data_7BBA
#
_entry.id   7BBA
#
_cell.length_a   75.890
_cell.length_b   75.890
_cell.length_c   177.670
_cell.angle_alpha   90.000
_cell.angle_beta   90.000
_cell.angle_gamma   120.000
#
_symmetry.space_group_name_H-M   'P 63'
#
loop_
_entity.id
_entity.type
_entity.pdbx_description
1 polymer 'Putative type VI secretion protein'
2 non-polymer 'SULFATE ION'
3 water water
#
_entity_poly.entity_id   1
_entity_poly.type   'polypeptide(L)'
_entity_poly.pdbx_seq_one_letter_code
;MGHHHHHHSSGVDLGTENLYFQSKTVRLNSLALFDAGKWTLKPGATKWLVNALVDIKAKAGWLIVVSGHTDNTGDPLRNQ
ALSLKRAEAVRDWMRDTGDIPQSCFAVQGYGESRPVAPNDTAEGRARNRRVEISLVP
;
_entity_poly.pdbx_strand_id   A,B,C,D
#
# COMPACT_ATOMS: atom_id res chain seq x y z
N VAL A 26 -7.50 11.84 -13.72
CA VAL A 26 -6.46 10.81 -13.67
C VAL A 26 -7.04 9.41 -13.58
N ARG A 27 -6.82 8.60 -14.63
CA ARG A 27 -7.32 7.22 -14.67
C ARG A 27 -6.20 6.28 -14.22
N LEU A 28 -6.43 5.58 -13.10
CA LEU A 28 -5.47 4.66 -12.50
C LEU A 28 -5.49 3.30 -13.23
N ASN A 29 -4.38 2.54 -13.14
CA ASN A 29 -4.22 1.20 -13.73
C ASN A 29 -5.36 0.30 -13.30
N SER A 30 -5.95 -0.48 -14.24
CA SER A 30 -7.05 -1.37 -13.88
C SER A 30 -6.68 -2.38 -12.80
N LEU A 31 -7.65 -2.74 -11.98
CA LEU A 31 -7.42 -3.65 -10.87
C LEU A 31 -8.18 -4.95 -11.05
N ALA A 32 -7.64 -5.89 -11.85
CA ALA A 32 -8.26 -7.19 -12.05
C ALA A 32 -7.91 -8.01 -10.81
N LEU A 33 -8.70 -7.86 -9.76
CA LEU A 33 -8.45 -8.51 -8.48
C LEU A 33 -9.51 -9.51 -8.09
N PHE A 34 -10.40 -9.92 -9.02
CA PHE A 34 -11.51 -10.79 -8.64
C PHE A 34 -11.62 -12.08 -9.43
N ASP A 35 -11.94 -13.16 -8.73
CA ASP A 35 -12.20 -14.45 -9.34
C ASP A 35 -13.70 -14.50 -9.74
N ALA A 36 -14.10 -15.51 -10.54
CA ALA A 36 -15.47 -15.61 -11.05
C ALA A 36 -16.53 -15.73 -9.96
N GLY A 37 -17.50 -14.82 -9.98
CA GLY A 37 -18.58 -14.78 -9.01
C GLY A 37 -18.22 -14.16 -7.68
N LYS A 38 -16.98 -13.68 -7.55
CA LYS A 38 -16.50 -13.13 -6.29
C LYS A 38 -16.27 -11.63 -6.29
N TRP A 39 -16.65 -11.00 -5.17
CA TRP A 39 -16.38 -9.59 -4.87
C TRP A 39 -15.30 -9.43 -3.76
N THR A 40 -14.79 -10.55 -3.23
CA THR A 40 -13.70 -10.55 -2.28
C THR A 40 -12.39 -10.52 -3.09
N LEU A 41 -11.35 -9.91 -2.55
CA LEU A 41 -10.06 -9.81 -3.25
C LEU A 41 -9.32 -11.15 -3.42
N LYS A 42 -8.80 -11.40 -4.62
CA LYS A 42 -7.99 -12.54 -5.06
C LYS A 42 -6.70 -12.64 -4.24
N PRO A 43 -6.05 -13.82 -4.15
CA PRO A 43 -4.74 -13.85 -3.48
C PRO A 43 -3.75 -13.12 -4.39
N GLY A 44 -2.94 -12.25 -3.80
CA GLY A 44 -1.99 -11.44 -4.56
C GLY A 44 -2.50 -10.05 -4.92
N ALA A 45 -3.76 -9.72 -4.55
CA ALA A 45 -4.34 -8.42 -4.87
C ALA A 45 -3.75 -7.23 -4.13
N THR A 46 -3.30 -7.44 -2.89
CA THR A 46 -2.82 -6.30 -2.04
C THR A 46 -1.76 -5.44 -2.75
N LYS A 47 -0.76 -6.07 -3.38
CA LYS A 47 0.34 -5.28 -4.00
C LYS A 47 -0.22 -4.25 -4.99
N TRP A 48 -1.29 -4.63 -5.72
CA TRP A 48 -1.87 -3.72 -6.73
C TRP A 48 -2.76 -2.66 -6.06
N LEU A 49 -3.47 -3.03 -4.99
CA LEU A 49 -4.25 -2.03 -4.26
C LEU A 49 -3.33 -1.00 -3.61
N VAL A 50 -2.13 -1.42 -3.15
CA VAL A 50 -1.16 -0.51 -2.55
C VAL A 50 -0.68 0.50 -3.60
N ASN A 51 -0.41 0.03 -4.82
CA ASN A 51 0.03 0.89 -5.91
C ASN A 51 -1.03 1.96 -6.22
N ALA A 52 -2.30 1.60 -6.15
CA ALA A 52 -3.41 2.52 -6.37
C ALA A 52 -3.53 3.52 -5.22
N LEU A 53 -3.32 3.05 -4.00
CA LEU A 53 -3.40 3.85 -2.79
C LEU A 53 -2.33 4.95 -2.78
N VAL A 54 -1.12 4.65 -3.30
CA VAL A 54 -0.04 5.63 -3.44
C VAL A 54 -0.49 6.76 -4.38
N ASP A 55 -1.12 6.38 -5.52
CA ASP A 55 -1.66 7.31 -6.50
C ASP A 55 -2.79 8.17 -5.93
N ILE A 56 -3.59 7.61 -5.03
CA ILE A 56 -4.66 8.37 -4.37
C ILE A 56 -4.07 9.33 -3.34
N LYS A 57 -3.03 8.92 -2.61
CA LYS A 57 -2.37 9.79 -1.66
C LYS A 57 -1.70 11.00 -2.33
N ALA A 58 -1.33 10.87 -3.61
CA ALA A 58 -0.74 11.96 -4.37
C ALA A 58 -1.80 13.01 -4.81
N LYS A 59 -3.09 12.63 -4.87
CA LYS A 59 -4.16 13.53 -5.29
C LYS A 59 -5.13 13.74 -4.13
N ALA A 60 -4.62 14.22 -3.00
CA ALA A 60 -5.46 14.44 -1.81
C ALA A 60 -6.56 15.49 -2.03
N GLY A 61 -7.80 15.12 -1.78
CA GLY A 61 -8.92 16.03 -1.96
C GLY A 61 -9.75 15.81 -3.21
N TRP A 62 -9.27 14.96 -4.11
CA TRP A 62 -9.97 14.68 -5.36
C TRP A 62 -11.12 13.64 -5.11
N LEU A 63 -12.15 13.62 -5.97
CA LEU A 63 -13.22 12.65 -5.88
C LEU A 63 -12.70 11.30 -6.44
N ILE A 64 -12.79 10.24 -5.64
CA ILE A 64 -12.29 8.92 -6.06
C ILE A 64 -13.43 8.09 -6.59
N VAL A 65 -13.52 7.98 -7.93
CA VAL A 65 -14.58 7.21 -8.55
C VAL A 65 -14.15 5.78 -8.77
N VAL A 66 -14.82 4.86 -8.08
CA VAL A 66 -14.51 3.43 -8.15
C VAL A 66 -15.57 2.74 -8.98
N SER A 67 -15.21 2.35 -10.22
CA SER A 67 -16.14 1.72 -11.17
C SER A 67 -15.87 0.23 -11.32
N GLY A 68 -16.83 -0.59 -10.92
CA GLY A 68 -16.71 -2.04 -11.02
C GLY A 68 -17.21 -2.63 -12.32
N HIS A 69 -16.61 -3.74 -12.73
CA HIS A 69 -16.94 -4.43 -13.97
C HIS A 69 -17.02 -5.96 -13.72
N THR A 70 -17.60 -6.71 -14.63
CA THR A 70 -17.66 -8.17 -14.58
C THR A 70 -17.37 -8.72 -16.00
N ASP A 71 -17.36 -10.04 -16.11
CA ASP A 71 -17.25 -10.70 -17.44
C ASP A 71 -18.67 -11.02 -17.92
N ASN A 72 -18.81 -11.64 -19.09
CA ASN A 72 -20.15 -11.90 -19.70
C ASN A 72 -20.89 -13.06 -19.03
N THR A 73 -20.20 -13.96 -18.33
CA THR A 73 -20.85 -15.16 -17.76
C THR A 73 -21.99 -14.79 -16.81
N GLY A 74 -23.14 -15.45 -16.92
CA GLY A 74 -24.27 -15.17 -16.04
C GLY A 74 -25.24 -14.14 -16.57
N ASP A 75 -26.22 -13.80 -15.76
CA ASP A 75 -27.26 -12.85 -16.11
C ASP A 75 -26.71 -11.42 -16.06
N PRO A 76 -26.98 -10.53 -17.07
CA PRO A 76 -26.44 -9.17 -17.06
C PRO A 76 -26.84 -8.31 -15.86
N LEU A 77 -28.01 -8.56 -15.28
CA LEU A 77 -28.48 -7.71 -14.17
C LEU A 77 -27.79 -8.14 -12.87
N ARG A 78 -27.45 -9.41 -12.75
CA ARG A 78 -26.69 -9.88 -11.57
C ARG A 78 -25.27 -9.35 -11.74
N ASN A 79 -24.79 -9.30 -12.99
CA ASN A 79 -23.44 -8.76 -13.26
C ASN A 79 -23.38 -7.25 -12.95
N GLN A 80 -24.49 -6.54 -13.06
CA GLN A 80 -24.56 -5.13 -12.71
C GLN A 80 -24.45 -4.97 -11.19
N ALA A 81 -25.16 -5.82 -10.43
CA ALA A 81 -25.16 -5.83 -8.98
C ALA A 81 -23.78 -6.23 -8.43
N LEU A 82 -23.15 -7.24 -9.07
CA LEU A 82 -21.85 -7.77 -8.70
C LEU A 82 -20.76 -6.75 -8.95
N SER A 83 -20.92 -5.96 -10.01
CA SER A 83 -19.95 -4.88 -10.33
C SER A 83 -19.99 -3.76 -9.28
N LEU A 84 -21.16 -3.50 -8.71
CA LEU A 84 -21.27 -2.46 -7.68
C LEU A 84 -20.61 -2.95 -6.39
N LYS A 85 -20.64 -4.26 -6.14
CA LYS A 85 -20.08 -4.84 -4.89
C LYS A 85 -18.56 -4.87 -4.96
N ARG A 86 -18.01 -5.08 -6.15
CA ARG A 86 -16.54 -5.06 -6.35
C ARG A 86 -16.05 -3.62 -6.16
N ALA A 87 -16.86 -2.64 -6.56
CA ALA A 87 -16.52 -1.25 -6.40
C ALA A 87 -16.56 -0.87 -4.91
N GLU A 88 -17.56 -1.38 -4.17
CA GLU A 88 -17.70 -1.13 -2.74
C GLU A 88 -16.60 -1.78 -1.94
N ALA A 89 -16.11 -2.95 -2.40
CA ALA A 89 -15.06 -3.67 -1.70
C ALA A 89 -13.74 -2.94 -1.84
N VAL A 90 -13.43 -2.43 -3.04
CA VAL A 90 -12.19 -1.68 -3.25
C VAL A 90 -12.23 -0.36 -2.47
N ARG A 91 -13.40 0.30 -2.45
CA ARG A 91 -13.64 1.52 -1.69
C ARG A 91 -13.44 1.24 -0.19
N ASP A 92 -13.96 0.15 0.33
CA ASP A 92 -13.86 -0.10 1.80
C ASP A 92 -12.43 -0.53 2.17
N TRP A 93 -11.69 -1.12 1.24
CA TRP A 93 -10.27 -1.46 1.50
C TRP A 93 -9.47 -0.17 1.65
N MET A 94 -9.72 0.81 0.78
CA MET A 94 -8.99 2.10 0.85
C MET A 94 -9.53 2.90 2.03
N ARG A 95 -10.77 2.62 2.44
CA ARG A 95 -11.36 3.32 3.61
C ARG A 95 -10.72 2.79 4.89
N ASP A 96 -10.65 1.47 5.04
CA ASP A 96 -10.21 0.84 6.32
C ASP A 96 -8.72 0.42 6.32
N THR A 97 -8.18 -0.04 5.18
CA THR A 97 -6.74 -0.43 5.09
C THR A 97 -5.92 0.71 4.49
N GLY A 98 -6.50 1.88 4.28
CA GLY A 98 -5.72 3.02 3.78
C GLY A 98 -6.02 4.28 4.54
N ASP A 99 -6.98 4.20 5.45
CA ASP A 99 -7.35 5.32 6.31
C ASP A 99 -7.92 6.56 5.57
N ILE A 100 -8.69 6.32 4.50
CA ILE A 100 -9.26 7.42 3.73
C ILE A 100 -10.73 7.51 4.06
N PRO A 101 -11.28 8.71 4.35
CA PRO A 101 -12.70 8.78 4.69
C PRO A 101 -13.58 8.22 3.58
N GLN A 102 -14.64 7.48 3.96
CA GLN A 102 -15.55 6.92 2.97
C GLN A 102 -16.23 7.98 2.12
N SER A 103 -16.35 9.23 2.64
CA SER A 103 -16.97 10.34 1.92
C SER A 103 -16.20 10.78 0.69
N CYS A 104 -14.93 10.39 0.56
CA CYS A 104 -14.07 10.73 -0.58
C CYS A 104 -14.40 9.95 -1.86
N PHE A 105 -15.14 8.85 -1.73
CA PHE A 105 -15.45 7.96 -2.84
C PHE A 105 -16.87 8.09 -3.41
N ALA A 106 -17.00 7.64 -4.67
CA ALA A 106 -18.32 7.60 -5.36
C ALA A 106 -18.34 6.27 -6.13
N VAL A 107 -19.12 5.28 -5.65
CA VAL A 107 -19.10 3.91 -6.25
C VAL A 107 -19.90 3.82 -7.55
N GLN A 108 -19.41 3.10 -8.56
CA GLN A 108 -20.09 2.98 -9.88
C GLN A 108 -20.06 1.52 -10.34
N GLY A 109 -21.03 1.06 -11.13
CA GLY A 109 -21.04 -0.29 -11.66
C GLY A 109 -21.38 -0.31 -13.12
N TYR A 110 -20.62 -1.02 -13.93
CA TYR A 110 -20.88 -1.14 -15.37
C TYR A 110 -21.48 -2.47 -15.82
N GLY A 111 -21.51 -3.45 -14.93
CA GLY A 111 -22.07 -4.77 -15.23
C GLY A 111 -21.13 -5.51 -16.15
N GLU A 112 -21.65 -6.13 -17.21
CA GLU A 112 -20.78 -6.79 -18.19
C GLU A 112 -20.54 -5.95 -19.45
N SER A 113 -21.11 -4.73 -19.51
CA SER A 113 -20.95 -3.79 -20.61
C SER A 113 -19.54 -3.18 -20.48
N ARG A 114 -18.96 -2.74 -21.58
CA ARG A 114 -17.59 -2.18 -21.55
C ARG A 114 -16.46 -3.17 -21.18
N PRO A 115 -16.40 -4.37 -21.79
CA PRO A 115 -15.26 -5.27 -21.51
C PRO A 115 -13.97 -4.76 -22.11
N VAL A 116 -12.83 -5.06 -21.46
CA VAL A 116 -11.52 -4.70 -22.02
C VAL A 116 -10.95 -5.81 -22.92
N ALA A 117 -11.36 -7.08 -22.70
CA ALA A 117 -10.88 -8.20 -23.47
C ALA A 117 -12.00 -9.17 -23.84
N PRO A 118 -11.88 -9.99 -24.94
CA PRO A 118 -12.90 -10.99 -25.27
C PRO A 118 -13.36 -11.86 -24.10
N ASN A 119 -14.66 -12.07 -23.97
CA ASN A 119 -15.24 -12.77 -22.81
C ASN A 119 -15.43 -14.27 -23.08
N ASP A 120 -14.68 -14.85 -24.00
CA ASP A 120 -14.79 -16.32 -24.25
C ASP A 120 -13.89 -17.03 -23.23
N THR A 121 -14.25 -16.89 -21.94
CA THR A 121 -13.41 -17.43 -20.83
C THR A 121 -12.00 -16.91 -21.02
N ALA A 122 -10.98 -17.70 -20.72
CA ALA A 122 -9.59 -17.29 -21.00
C ALA A 122 -9.07 -16.30 -19.97
N GLU A 123 -7.91 -15.72 -20.24
CA GLU A 123 -7.32 -14.72 -19.34
C GLU A 123 -8.04 -13.39 -19.57
N GLY A 124 -8.67 -13.23 -20.72
CA GLY A 124 -9.43 -12.01 -21.02
C GLY A 124 -10.60 -11.85 -20.08
N ARG A 125 -11.29 -12.95 -19.75
CA ARG A 125 -12.45 -12.86 -18.82
C ARG A 125 -11.96 -12.40 -17.46
N ALA A 126 -10.73 -12.78 -17.08
CA ALA A 126 -10.14 -12.32 -15.81
C ALA A 126 -9.83 -10.82 -15.89
N ARG A 127 -9.44 -10.36 -17.07
CA ARG A 127 -9.15 -8.93 -17.28
C ARG A 127 -10.43 -8.12 -17.11
N ASN A 128 -11.59 -8.71 -17.37
CA ASN A 128 -12.89 -7.99 -17.31
C ASN A 128 -13.40 -7.93 -15.87
N ARG A 129 -13.02 -8.89 -15.02
CA ARG A 129 -13.42 -8.85 -13.62
C ARG A 129 -12.44 -7.87 -13.00
N ARG A 130 -12.78 -6.58 -13.02
CA ARG A 130 -11.78 -5.57 -12.56
C ARG A 130 -12.46 -4.36 -11.92
N VAL A 131 -11.65 -3.42 -11.43
CA VAL A 131 -12.20 -2.15 -10.88
C VAL A 131 -11.36 -1.02 -11.49
N GLU A 132 -12.02 -0.03 -12.10
CA GLU A 132 -11.29 1.13 -12.67
C GLU A 132 -11.42 2.30 -11.70
N ILE A 133 -10.30 2.88 -11.29
CA ILE A 133 -10.34 4.04 -10.35
C ILE A 133 -9.97 5.31 -11.14
N SER A 134 -10.82 6.35 -11.06
CA SER A 134 -10.52 7.61 -11.73
C SER A 134 -10.65 8.72 -10.69
N LEU A 135 -9.72 9.67 -10.70
CA LEU A 135 -9.71 10.77 -9.75
C LEU A 135 -10.20 12.05 -10.40
N VAL A 136 -11.29 12.63 -9.86
CA VAL A 136 -11.87 13.85 -10.40
C VAL A 136 -11.50 15.06 -9.55
N PRO A 137 -10.82 16.08 -10.11
CA PRO A 137 -10.50 17.27 -9.31
C PRO A 137 -11.72 18.06 -8.86
N THR B 25 -18.78 21.26 -13.80
CA THR B 25 -19.69 20.48 -12.95
C THR B 25 -20.96 21.23 -12.59
N VAL B 26 -22.09 20.73 -13.08
CA VAL B 26 -23.41 21.27 -12.81
C VAL B 26 -24.02 20.71 -11.52
N ARG B 27 -24.24 21.57 -10.53
CA ARG B 27 -24.87 21.17 -9.28
C ARG B 27 -26.37 21.40 -9.34
N LEU B 28 -27.15 20.33 -9.20
CA LEU B 28 -28.62 20.39 -9.23
C LEU B 28 -29.15 20.83 -7.84
N ASN B 29 -30.36 21.43 -7.79
CA ASN B 29 -30.96 21.87 -6.52
C ASN B 29 -31.06 20.70 -5.52
N SER B 30 -30.72 20.93 -4.22
CA SER B 30 -30.77 19.86 -3.24
C SER B 30 -32.12 19.19 -3.14
N LEU B 31 -32.13 17.90 -2.83
CA LEU B 31 -33.35 17.13 -2.76
C LEU B 31 -33.63 16.66 -1.34
N ALA B 32 -34.24 17.53 -0.53
CA ALA B 32 -34.61 17.20 0.84
C ALA B 32 -35.87 16.35 0.77
N LEU B 33 -35.70 15.04 0.57
CA LEU B 33 -36.85 14.15 0.36
C LEU B 33 -37.00 13.07 1.41
N PHE B 34 -36.33 13.19 2.57
CA PHE B 34 -36.34 12.09 3.55
C PHE B 34 -36.74 12.47 4.96
N ASP B 35 -37.51 11.57 5.60
CA ASP B 35 -37.90 11.72 7.01
C ASP B 35 -36.79 11.11 7.88
N ALA B 36 -36.78 11.43 9.18
CA ALA B 36 -35.72 10.97 10.09
C ALA B 36 -35.57 9.47 10.19
N GLY B 37 -34.35 9.00 9.92
CA GLY B 37 -34.02 7.58 9.95
C GLY B 37 -34.44 6.81 8.71
N LYS B 38 -35.07 7.48 7.73
CA LYS B 38 -35.58 6.84 6.53
C LYS B 38 -34.81 7.16 5.27
N TRP B 39 -34.68 6.15 4.42
CA TRP B 39 -34.10 6.29 3.09
C TRP B 39 -35.17 6.16 1.97
N THR B 40 -36.44 5.94 2.34
CA THR B 40 -37.57 5.89 1.42
C THR B 40 -38.05 7.32 1.21
N LEU B 41 -38.57 7.62 0.02
CA LEU B 41 -39.00 8.97 -0.32
C LEU B 41 -40.25 9.45 0.41
N LYS B 42 -40.19 10.69 0.90
CA LYS B 42 -41.25 11.43 1.60
C LYS B 42 -42.48 11.64 0.68
N PRO B 43 -43.68 11.90 1.24
CA PRO B 43 -44.81 12.24 0.37
C PRO B 43 -44.52 13.64 -0.21
N GLY B 44 -44.75 13.78 -1.50
CA GLY B 44 -44.47 15.03 -2.21
C GLY B 44 -43.09 15.10 -2.86
N ALA B 45 -42.26 14.05 -2.71
CA ALA B 45 -40.91 14.02 -3.30
C ALA B 45 -40.86 13.96 -4.84
N THR B 46 -41.86 13.33 -5.48
CA THR B 46 -41.85 13.11 -6.95
C THR B 46 -41.68 14.39 -7.75
N LYS B 47 -42.33 15.48 -7.32
CA LYS B 47 -42.26 16.76 -8.05
C LYS B 47 -40.79 17.16 -8.23
N TRP B 48 -40.01 17.08 -7.16
CA TRP B 48 -38.59 17.52 -7.21
C TRP B 48 -37.73 16.47 -7.90
N LEU B 49 -38.04 15.19 -7.75
CA LEU B 49 -37.32 14.16 -8.46
C LEU B 49 -37.47 14.32 -9.97
N VAL B 50 -38.65 14.79 -10.41
CA VAL B 50 -38.92 14.99 -11.86
C VAL B 50 -38.08 16.16 -12.36
N ASN B 51 -37.96 17.22 -11.56
CA ASN B 51 -37.15 18.41 -11.96
C ASN B 51 -35.69 17.98 -12.17
N ALA B 52 -35.15 17.19 -11.25
CA ALA B 52 -33.75 16.71 -11.37
C ALA B 52 -33.64 15.81 -12.61
N LEU B 53 -34.65 14.99 -12.90
CA LEU B 53 -34.63 14.08 -14.03
C LEU B 53 -34.59 14.84 -15.36
N VAL B 54 -35.28 16.00 -15.45
CA VAL B 54 -35.25 16.84 -16.64
C VAL B 54 -33.80 17.35 -16.84
N ASP B 55 -33.17 17.81 -15.76
CA ASP B 55 -31.80 18.30 -15.77
C ASP B 55 -30.80 17.20 -16.13
N ILE B 56 -31.05 15.95 -15.72
CA ILE B 56 -30.22 14.79 -16.04
C ILE B 56 -30.34 14.47 -17.53
N LYS B 57 -31.59 14.51 -18.06
CA LYS B 57 -31.84 14.24 -19.47
C LYS B 57 -31.18 15.28 -20.41
N ALA B 58 -30.98 16.51 -19.91
CA ALA B 58 -30.33 17.56 -20.69
C ALA B 58 -28.80 17.36 -20.79
N LYS B 59 -28.20 16.60 -19.85
CA LYS B 59 -26.76 16.34 -19.87
C LYS B 59 -26.50 14.85 -20.14
N ALA B 60 -26.97 14.35 -21.28
CA ALA B 60 -26.80 12.95 -21.66
C ALA B 60 -25.34 12.53 -21.80
N GLY B 61 -24.93 11.52 -21.03
CA GLY B 61 -23.56 11.01 -21.11
C GLY B 61 -22.64 11.47 -19.99
N TRP B 62 -23.05 12.47 -19.22
CA TRP B 62 -22.28 13.00 -18.11
C TRP B 62 -22.42 12.04 -16.91
N LEU B 63 -21.44 12.05 -16.01
CA LEU B 63 -21.47 11.21 -14.82
C LEU B 63 -22.41 11.84 -13.80
N ILE B 64 -23.38 11.04 -13.31
CA ILE B 64 -24.34 11.54 -12.34
C ILE B 64 -23.91 11.17 -10.95
N VAL B 65 -23.35 12.12 -10.20
CA VAL B 65 -22.88 11.85 -8.85
C VAL B 65 -23.96 12.14 -7.86
N VAL B 66 -24.44 11.10 -7.20
CA VAL B 66 -25.50 11.22 -6.20
C VAL B 66 -24.90 11.13 -4.81
N SER B 67 -24.83 12.26 -4.08
CA SER B 67 -24.22 12.34 -2.74
C SER B 67 -25.25 12.52 -1.67
N GLY B 68 -25.35 11.50 -0.81
CA GLY B 68 -26.33 11.51 0.29
C GLY B 68 -25.82 12.16 1.53
N HIS B 69 -26.72 12.77 2.29
CA HIS B 69 -26.33 13.53 3.50
C HIS B 69 -27.30 13.15 4.63
N THR B 70 -27.03 13.60 5.86
CA THR B 70 -27.84 13.22 7.03
C THR B 70 -27.88 14.38 8.03
N ASP B 71 -28.68 14.25 9.09
CA ASP B 71 -28.73 15.28 10.17
C ASP B 71 -27.84 14.86 11.33
N ASN B 72 -27.64 15.76 12.30
CA ASN B 72 -26.75 15.51 13.47
C ASN B 72 -27.32 14.45 14.41
N THR B 73 -28.61 14.10 14.30
CA THR B 73 -29.14 13.14 15.27
C THR B 73 -28.68 11.71 15.03
N GLY B 74 -28.31 11.02 16.10
CA GLY B 74 -27.90 9.64 16.00
C GLY B 74 -26.40 9.46 15.83
N ASP B 75 -25.99 8.20 15.62
CA ASP B 75 -24.54 7.86 15.55
C ASP B 75 -23.93 8.25 14.20
N PRO B 76 -22.78 8.94 14.19
CA PRO B 76 -22.09 9.27 12.94
C PRO B 76 -21.88 8.12 11.94
N LEU B 77 -21.52 6.93 12.40
CA LEU B 77 -21.19 5.81 11.47
C LEU B 77 -22.45 5.28 10.79
N ARG B 78 -23.55 5.24 11.52
CA ARG B 78 -24.82 4.79 10.91
C ARG B 78 -25.33 5.91 9.99
N ASN B 79 -25.07 7.16 10.35
CA ASN B 79 -25.46 8.30 9.48
C ASN B 79 -24.72 8.15 8.14
N GLN B 80 -23.47 7.73 8.17
CA GLN B 80 -22.69 7.54 6.96
C GLN B 80 -23.31 6.42 6.11
N ALA B 81 -23.76 5.33 6.75
CA ALA B 81 -24.40 4.19 6.07
C ALA B 81 -25.76 4.60 5.51
N LEU B 82 -26.52 5.40 6.30
CA LEU B 82 -27.82 5.92 5.92
C LEU B 82 -27.70 6.91 4.75
N SER B 83 -26.69 7.77 4.79
CA SER B 83 -26.48 8.74 3.67
C SER B 83 -26.22 7.94 2.39
N LEU B 84 -25.51 6.82 2.50
CA LEU B 84 -25.24 5.96 1.31
C LEU B 84 -26.58 5.39 0.80
N LYS B 85 -27.45 4.95 1.71
CA LYS B 85 -28.75 4.34 1.33
C LYS B 85 -29.60 5.37 0.56
N ARG B 86 -29.65 6.61 1.04
CA ARG B 86 -30.47 7.67 0.38
C ARG B 86 -29.94 7.92 -1.03
N ALA B 87 -28.61 7.97 -1.19
CA ALA B 87 -27.99 8.19 -2.50
C ALA B 87 -28.38 7.07 -3.45
N GLU B 88 -28.39 5.84 -2.98
CA GLU B 88 -28.77 4.67 -3.78
C GLU B 88 -30.26 4.67 -4.10
N ALA B 89 -31.12 5.21 -3.21
CA ALA B 89 -32.55 5.26 -3.46
C ALA B 89 -32.87 6.28 -4.53
N VAL B 90 -32.21 7.45 -4.51
CA VAL B 90 -32.43 8.47 -5.54
C VAL B 90 -31.91 7.96 -6.89
N ARG B 91 -30.75 7.28 -6.89
CA ARG B 91 -30.19 6.64 -8.08
C ARG B 91 -31.16 5.59 -8.64
N ASP B 92 -31.72 4.70 -7.79
CA ASP B 92 -32.62 3.65 -8.26
C ASP B 92 -34.02 4.19 -8.63
N TRP B 93 -34.41 5.38 -8.13
CA TRP B 93 -35.64 6.03 -8.57
C TRP B 93 -35.37 6.52 -10.00
N MET B 94 -34.21 7.12 -10.26
CA MET B 94 -33.87 7.62 -11.59
C MET B 94 -33.76 6.48 -12.62
N ARG B 95 -33.35 5.29 -12.19
CA ARG B 95 -33.17 4.14 -13.04
C ARG B 95 -34.51 3.47 -13.32
N ASP B 96 -35.30 3.20 -12.30
CA ASP B 96 -36.58 2.47 -12.49
C ASP B 96 -37.67 3.42 -13.00
N THR B 97 -37.81 4.60 -12.38
CA THR B 97 -38.88 5.56 -12.74
C THR B 97 -38.42 6.58 -13.80
N GLY B 98 -37.19 6.48 -14.30
CA GLY B 98 -36.69 7.39 -15.36
C GLY B 98 -36.02 6.67 -16.52
N ASP B 99 -35.83 5.36 -16.40
CA ASP B 99 -35.22 4.55 -17.49
C ASP B 99 -33.79 5.02 -17.80
N ILE B 100 -33.02 5.45 -16.79
CA ILE B 100 -31.62 5.79 -17.01
C ILE B 100 -30.76 4.61 -16.58
N PRO B 101 -29.79 4.17 -17.40
CA PRO B 101 -28.96 3.02 -17.02
C PRO B 101 -28.26 3.26 -15.68
N GLN B 102 -28.22 2.24 -14.81
CA GLN B 102 -27.57 2.37 -13.53
C GLN B 102 -26.09 2.68 -13.66
N SER B 103 -25.45 2.31 -14.78
CA SER B 103 -24.04 2.59 -15.03
C SER B 103 -23.69 4.09 -15.18
N CYS B 104 -24.70 4.95 -15.37
CA CYS B 104 -24.52 6.39 -15.50
C CYS B 104 -24.22 7.10 -14.15
N PHE B 105 -24.49 6.41 -13.02
CA PHE B 105 -24.37 6.99 -11.69
C PHE B 105 -23.14 6.54 -10.90
N ALA B 106 -22.76 7.39 -9.94
CA ALA B 106 -21.65 7.07 -8.99
C ALA B 106 -22.14 7.50 -7.61
N VAL B 107 -22.46 6.55 -6.72
CA VAL B 107 -23.09 6.89 -5.41
C VAL B 107 -22.06 7.37 -4.38
N GLN B 108 -22.40 8.38 -3.57
CA GLN B 108 -21.47 8.95 -2.56
C GLN B 108 -22.23 9.17 -1.24
N GLY B 109 -21.56 9.09 -0.09
CA GLY B 109 -22.20 9.34 1.20
C GLY B 109 -21.37 10.25 2.05
N TYR B 110 -21.96 11.31 2.61
CA TYR B 110 -21.22 12.22 3.48
C TYR B 110 -21.59 12.11 4.96
N GLY B 111 -22.67 11.40 5.29
CA GLY B 111 -23.12 11.29 6.65
C GLY B 111 -23.64 12.62 7.14
N GLU B 112 -23.39 12.93 8.40
CA GLU B 112 -23.81 14.19 8.98
C GLU B 112 -22.75 15.29 8.82
N SER B 113 -21.65 15.03 8.10
CA SER B 113 -20.51 15.95 8.01
C SER B 113 -20.56 17.20 7.15
N ARG B 114 -21.57 17.47 6.32
CA ARG B 114 -21.58 18.69 5.53
C ARG B 114 -23.02 19.22 5.52
N PRO B 115 -23.53 19.72 6.65
CA PRO B 115 -24.92 20.21 6.65
C PRO B 115 -25.10 21.52 5.88
N VAL B 116 -26.28 21.71 5.29
CA VAL B 116 -26.62 22.96 4.60
C VAL B 116 -27.32 23.95 5.52
N ALA B 117 -27.97 23.47 6.58
CA ALA B 117 -28.72 24.33 7.48
C ALA B 117 -28.43 23.99 8.94
N PRO B 118 -28.67 24.91 9.89
CA PRO B 118 -28.46 24.60 11.30
C PRO B 118 -29.23 23.36 11.77
N ASN B 119 -28.55 22.49 12.51
CA ASN B 119 -29.18 21.22 12.94
C ASN B 119 -29.90 21.44 14.28
N ASP B 120 -30.38 22.66 14.53
CA ASP B 120 -31.18 22.94 15.75
C ASP B 120 -32.63 22.54 15.48
N THR B 121 -32.86 21.27 15.19
CA THR B 121 -34.22 20.77 14.87
C THR B 121 -34.91 21.67 13.83
N ALA B 122 -35.98 22.34 14.21
CA ALA B 122 -36.74 23.19 13.26
C ALA B 122 -36.96 22.44 11.93
N GLU B 123 -36.67 23.10 10.81
CA GLU B 123 -36.80 22.44 9.49
C GLU B 123 -35.41 22.30 8.87
N GLY B 124 -34.37 22.75 9.58
CA GLY B 124 -32.99 22.57 9.10
C GLY B 124 -32.63 21.11 9.02
N ARG B 125 -33.13 20.31 9.96
CA ARG B 125 -32.79 18.88 9.99
C ARG B 125 -33.31 18.30 8.69
N ALA B 126 -34.50 18.69 8.32
CA ALA B 126 -35.11 18.17 7.07
C ALA B 126 -34.34 18.72 5.87
N ARG B 127 -33.87 19.96 5.96
CA ARG B 127 -33.05 20.45 4.86
C ARG B 127 -31.78 19.59 4.74
N ASN B 128 -31.21 19.13 5.88
CA ASN B 128 -30.01 18.31 5.92
C ASN B 128 -30.22 16.89 5.47
N ARG B 129 -31.40 16.32 5.69
CA ARG B 129 -31.72 14.96 5.21
C ARG B 129 -31.97 15.03 3.69
N ARG B 130 -30.91 15.15 2.90
CA ARG B 130 -31.04 15.38 1.48
C ARG B 130 -30.10 14.56 0.61
N VAL B 131 -30.32 14.69 -0.69
CA VAL B 131 -29.40 14.08 -1.68
C VAL B 131 -29.00 15.22 -2.62
N GLU B 132 -27.71 15.35 -2.93
CA GLU B 132 -27.23 16.34 -3.88
C GLU B 132 -26.82 15.63 -5.16
N ILE B 133 -27.20 16.17 -6.30
CA ILE B 133 -26.79 15.58 -7.58
C ILE B 133 -25.89 16.57 -8.29
N SER B 134 -24.70 16.10 -8.69
CA SER B 134 -23.82 16.92 -9.46
C SER B 134 -23.47 16.15 -10.74
N LEU B 135 -23.45 16.85 -11.89
CA LEU B 135 -23.17 16.22 -13.17
C LEU B 135 -21.74 16.53 -13.63
N VAL B 136 -20.95 15.49 -13.85
CA VAL B 136 -19.56 15.65 -14.26
C VAL B 136 -19.37 15.36 -15.75
N PRO B 137 -18.92 16.34 -16.53
CA PRO B 137 -18.70 16.08 -17.96
C PRO B 137 -17.42 15.28 -18.19
N THR C 25 20.37 10.48 5.73
CA THR C 25 19.96 11.84 6.07
C THR C 25 18.46 11.93 6.41
N VAL C 26 17.59 11.37 5.53
CA VAL C 26 16.15 11.46 5.81
C VAL C 26 15.65 10.31 6.68
N ARG C 27 15.24 10.63 7.91
CA ARG C 27 14.72 9.63 8.84
C ARG C 27 13.18 9.58 8.75
N LEU C 28 12.61 8.42 8.41
CA LEU C 28 11.15 8.30 8.32
C LEU C 28 10.52 8.10 9.71
N ASN C 29 9.19 8.21 9.81
CA ASN C 29 8.51 7.97 11.09
C ASN C 29 8.68 6.50 11.50
N SER C 30 8.94 6.23 12.80
CA SER C 30 9.12 4.86 13.28
C SER C 30 7.92 3.98 12.98
N LEU C 31 8.19 2.70 12.74
CA LEU C 31 7.16 1.75 12.38
C LEU C 31 6.99 0.69 13.46
N ALA C 32 6.23 1.00 14.52
CA ALA C 32 5.96 0.03 15.57
C ALA C 32 4.88 -0.90 15.03
N LEU C 33 5.30 -1.93 14.31
CA LEU C 33 4.37 -2.84 13.66
C LEU C 33 4.47 -4.27 14.17
N PHE C 34 5.12 -4.50 15.33
CA PHE C 34 5.34 -5.86 15.79
C PHE C 34 4.88 -6.14 17.19
N ASP C 35 4.28 -7.33 17.37
CA ASP C 35 3.85 -7.84 18.67
C ASP C 35 5.04 -8.55 19.36
N ALA C 36 4.93 -8.86 20.67
CA ALA C 36 6.00 -9.45 21.45
C ALA C 36 6.54 -10.76 20.92
N GLY C 37 7.82 -10.79 20.61
CA GLY C 37 8.49 -11.98 20.09
C GLY C 37 8.25 -12.26 18.61
N LYS C 38 7.51 -11.37 17.94
CA LYS C 38 7.16 -11.56 16.54
C LYS C 38 7.85 -10.63 15.57
N TRP C 39 8.20 -11.16 14.42
CA TRP C 39 8.74 -10.40 13.30
C TRP C 39 7.73 -10.29 12.13
N THR C 40 6.57 -10.91 12.30
CA THR C 40 5.49 -10.81 11.29
C THR C 40 4.76 -9.52 11.58
N LEU C 41 4.30 -8.81 10.56
CA LEU C 41 3.70 -7.48 10.81
C LEU C 41 2.34 -7.62 11.49
N LYS C 42 2.06 -6.74 12.45
CA LYS C 42 0.80 -6.81 13.25
C LYS C 42 -0.41 -6.44 12.37
N PRO C 43 -1.66 -6.54 12.85
CA PRO C 43 -2.83 -6.31 11.99
C PRO C 43 -3.05 -4.96 11.30
N GLY C 44 -2.89 -3.82 11.94
CA GLY C 44 -3.16 -2.56 11.21
C GLY C 44 -1.90 -1.96 10.63
N ALA C 45 -0.91 -2.78 10.29
CA ALA C 45 0.40 -2.28 9.87
C ALA C 45 0.46 -1.68 8.46
N THR C 46 -0.37 -2.16 7.52
CA THR C 46 -0.32 -1.76 6.07
C THR C 46 -0.36 -0.25 5.84
N LYS C 47 -1.16 0.48 6.60
CA LYS C 47 -1.28 1.93 6.37
C LYS C 47 0.02 2.63 6.65
N TRP C 48 0.73 2.20 7.69
CA TRP C 48 1.98 2.87 8.07
C TRP C 48 3.06 2.43 7.11
N LEU C 49 2.97 1.20 6.63
CA LEU C 49 3.90 0.71 5.62
C LEU C 49 3.72 1.47 4.30
N VAL C 50 2.47 1.84 3.95
CA VAL C 50 2.17 2.59 2.73
C VAL C 50 2.73 4.01 2.84
N ASN C 51 2.57 4.65 4.03
CA ASN C 51 3.09 5.99 4.27
C ASN C 51 4.60 6.04 4.06
N ALA C 52 5.30 5.00 4.51
CA ALA C 52 6.75 4.89 4.37
C ALA C 52 7.15 4.66 2.91
N LEU C 53 6.37 3.84 2.21
CA LEU C 53 6.57 3.51 0.80
C LEU C 53 6.46 4.74 -0.09
N VAL C 54 5.55 5.66 0.23
CA VAL C 54 5.39 6.91 -0.52
C VAL C 54 6.69 7.74 -0.38
N ASP C 55 7.21 7.83 0.86
CA ASP C 55 8.44 8.54 1.18
C ASP C 55 9.67 7.90 0.50
N ILE C 56 9.67 6.58 0.36
CA ILE C 56 10.74 5.84 -0.32
C ILE C 56 10.67 6.15 -1.83
N LYS C 57 9.46 6.16 -2.40
CA LYS C 57 9.29 6.44 -3.83
C LYS C 57 9.70 7.89 -4.20
N ALA C 58 9.69 8.81 -3.23
CA ALA C 58 10.11 10.19 -3.44
C ALA C 58 11.65 10.33 -3.48
N LYS C 59 12.38 9.37 -2.91
CA LYS C 59 13.85 9.39 -2.91
C LYS C 59 14.39 8.19 -3.71
N ALA C 60 14.01 8.08 -4.99
CA ALA C 60 14.44 6.97 -5.83
C ALA C 60 15.95 6.96 -6.06
N GLY C 61 16.59 5.84 -5.74
CA GLY C 61 18.03 5.73 -5.93
C GLY C 61 18.86 5.89 -4.67
N TRP C 62 18.26 6.35 -3.59
CA TRP C 62 18.93 6.51 -2.30
C TRP C 62 18.98 5.13 -1.60
N LEU C 63 19.94 4.95 -0.71
CA LEU C 63 20.07 3.71 0.04
C LEU C 63 19.03 3.66 1.16
N ILE C 64 18.23 2.59 1.20
CA ILE C 64 17.19 2.47 2.22
C ILE C 64 17.71 1.62 3.36
N VAL C 65 18.06 2.25 4.48
CA VAL C 65 18.57 1.53 5.63
C VAL C 65 17.44 1.17 6.58
N VAL C 66 17.19 -0.13 6.74
CA VAL C 66 16.11 -0.63 7.58
C VAL C 66 16.73 -1.18 8.87
N SER C 67 16.57 -0.46 10.00
CA SER C 67 17.14 -0.84 11.29
C SER C 67 16.05 -1.36 12.25
N GLY C 68 16.10 -2.64 12.58
CA GLY C 68 15.12 -3.24 13.48
C GLY C 68 15.47 -3.09 14.95
N HIS C 69 14.47 -3.20 15.83
CA HIS C 69 14.69 -3.02 17.26
C HIS C 69 13.84 -3.98 18.09
N THR C 70 14.21 -4.19 19.36
CA THR C 70 13.49 -5.11 20.24
C THR C 70 13.12 -4.39 21.60
N ASP C 71 12.65 -5.15 22.59
CA ASP C 71 12.33 -4.58 23.93
C ASP C 71 13.38 -5.04 24.93
N ASN C 72 13.26 -4.63 26.18
CA ASN C 72 14.19 -5.09 27.25
C ASN C 72 13.96 -6.59 27.46
N THR C 73 12.79 -7.09 27.10
CA THR C 73 12.38 -8.50 27.32
C THR C 73 13.29 -9.55 26.71
N GLY C 74 13.70 -10.56 27.51
CA GLY C 74 14.46 -11.69 26.99
C GLY C 74 15.96 -11.49 26.91
N ASP C 75 16.64 -12.47 26.31
CA ASP C 75 18.10 -12.47 26.16
C ASP C 75 18.55 -11.44 25.15
N PRO C 76 19.59 -10.60 25.41
CA PRO C 76 20.07 -9.65 24.40
C PRO C 76 20.49 -10.20 23.03
N LEU C 77 21.15 -11.36 22.99
CA LEU C 77 21.64 -11.92 21.70
C LEU C 77 20.44 -12.28 20.83
N ARG C 78 19.40 -12.83 21.45
CA ARG C 78 18.17 -13.18 20.71
C ARG C 78 17.52 -11.87 20.24
N ASN C 79 17.48 -10.88 21.12
CA ASN C 79 16.92 -9.57 20.76
C ASN C 79 17.64 -8.97 19.55
N GLN C 80 18.93 -9.26 19.41
CA GLN C 80 19.72 -8.79 18.28
C GLN C 80 19.28 -9.53 17.01
N ALA C 81 19.07 -10.85 17.11
CA ALA C 81 18.63 -11.69 16.00
C ALA C 81 17.23 -11.33 15.55
N LEU C 82 16.33 -11.07 16.53
CA LEU C 82 14.94 -10.69 16.30
C LEU C 82 14.85 -9.32 15.62
N SER C 83 15.72 -8.39 16.01
CA SER C 83 15.76 -7.06 15.41
C SER C 83 16.22 -7.09 13.94
N LEU C 84 17.00 -8.11 13.55
CA LEU C 84 17.42 -8.29 12.17
C LEU C 84 16.26 -8.85 11.35
N LYS C 85 15.50 -9.79 11.93
CA LYS C 85 14.33 -10.42 11.29
C LYS C 85 13.23 -9.41 11.02
N ARG C 86 13.03 -8.45 11.95
CA ARG C 86 12.06 -7.36 11.84
C ARG C 86 12.44 -6.44 10.67
N ALA C 87 13.74 -6.16 10.54
CA ALA C 87 14.29 -5.31 9.48
C ALA C 87 14.12 -5.98 8.13
N GLU C 88 14.36 -7.30 8.07
CA GLU C 88 14.23 -8.08 6.84
C GLU C 88 12.78 -8.20 6.41
N ALA C 89 11.84 -8.25 7.37
CA ALA C 89 10.42 -8.36 7.04
C ALA C 89 9.90 -7.07 6.45
N VAL C 90 10.31 -5.91 6.99
CA VAL C 90 9.88 -4.62 6.45
C VAL C 90 10.49 -4.43 5.06
N ARG C 91 11.76 -4.83 4.88
CA ARG C 91 12.44 -4.79 3.60
C ARG C 91 11.71 -5.66 2.57
N ASP C 92 11.35 -6.91 2.92
CA ASP C 92 10.67 -7.81 1.99
C ASP C 92 9.20 -7.44 1.76
N TRP C 93 8.58 -6.66 2.68
CA TRP C 93 7.23 -6.14 2.43
C TRP C 93 7.37 -5.08 1.35
N MET C 94 8.37 -4.19 1.46
CA MET C 94 8.61 -3.13 0.49
C MET C 94 8.94 -3.68 -0.89
N ARG C 95 9.49 -4.89 -0.94
CA ARG C 95 9.95 -5.47 -2.23
C ARG C 95 8.84 -6.27 -2.88
N ASP C 96 8.14 -7.06 -2.08
CA ASP C 96 7.02 -7.83 -2.60
C ASP C 96 5.74 -7.02 -2.76
N THR C 97 5.33 -6.30 -1.71
CA THR C 97 4.11 -5.50 -1.70
C THR C 97 4.31 -4.02 -2.14
N GLY C 98 5.49 -3.67 -2.61
CA GLY C 98 5.78 -2.30 -3.05
C GLY C 98 6.53 -2.21 -4.37
N ASP C 99 7.06 -3.36 -4.84
CA ASP C 99 7.78 -3.50 -6.10
C ASP C 99 9.10 -2.70 -6.15
N ILE C 100 9.83 -2.68 -5.02
CA ILE C 100 11.13 -2.00 -4.95
C ILE C 100 12.20 -3.07 -4.98
N PRO C 101 13.25 -2.93 -5.83
CA PRO C 101 14.27 -3.98 -5.88
C PRO C 101 14.92 -4.20 -4.52
N GLN C 102 15.16 -5.46 -4.16
CA GLN C 102 15.78 -5.78 -2.87
C GLN C 102 17.18 -5.17 -2.75
N SER C 103 17.86 -4.90 -3.88
CA SER C 103 19.18 -4.30 -3.89
C SER C 103 19.22 -2.86 -3.37
N CYS C 104 18.06 -2.21 -3.26
CA CYS C 104 17.98 -0.83 -2.75
C CYS C 104 18.15 -0.73 -1.22
N PHE C 105 18.02 -1.84 -0.51
CA PHE C 105 18.04 -1.87 0.94
C PHE C 105 19.34 -2.37 1.58
N ALA C 106 19.45 -2.07 2.88
CA ALA C 106 20.56 -2.53 3.73
C ALA C 106 19.93 -2.82 5.09
N VAL C 107 20.17 -4.00 5.65
CA VAL C 107 19.48 -4.40 6.92
C VAL C 107 20.40 -4.29 8.14
N GLN C 108 19.93 -3.60 9.16
CA GLN C 108 20.71 -3.35 10.39
C GLN C 108 19.84 -3.76 11.57
N GLY C 109 20.43 -4.28 12.64
CA GLY C 109 19.76 -4.69 13.86
C GLY C 109 20.39 -4.06 15.09
N TYR C 110 19.60 -3.49 15.99
CA TYR C 110 20.15 -2.90 17.23
C TYR C 110 19.80 -3.70 18.50
N GLY C 111 18.85 -4.61 18.41
CA GLY C 111 18.41 -5.38 19.55
C GLY C 111 17.68 -4.54 20.57
N GLU C 112 17.91 -4.82 21.85
CA GLU C 112 17.28 -4.04 22.93
C GLU C 112 17.99 -2.72 23.24
N SER C 113 19.13 -2.44 22.60
CA SER C 113 19.84 -1.19 22.82
C SER C 113 19.11 -0.09 22.03
N ARG C 114 19.21 1.17 22.46
CA ARG C 114 18.53 2.28 21.80
C ARG C 114 16.96 2.22 21.83
N PRO C 115 16.31 2.01 23.01
CA PRO C 115 14.84 2.08 23.04
C PRO C 115 14.34 3.52 22.89
N VAL C 116 13.14 3.70 22.32
CA VAL C 116 12.55 5.03 22.19
C VAL C 116 11.65 5.39 23.38
N ALA C 117 11.12 4.38 24.08
CA ALA C 117 10.19 4.58 25.17
C ALA C 117 10.54 3.70 26.37
N PRO C 118 9.97 3.99 27.58
CA PRO C 118 10.13 3.11 28.73
C PRO C 118 9.78 1.64 28.49
N ASN C 119 10.56 0.74 29.08
CA ASN C 119 10.35 -0.72 28.91
C ASN C 119 9.54 -1.17 30.12
N ASP C 120 8.80 -0.23 30.71
CA ASP C 120 7.92 -0.50 31.88
C ASP C 120 6.72 -1.29 31.32
N THR C 121 6.75 -1.62 30.02
CA THR C 121 5.73 -2.48 29.36
C THR C 121 4.56 -1.68 28.80
N ALA C 122 3.62 -2.39 28.18
CA ALA C 122 2.44 -1.75 27.55
C ALA C 122 2.83 -0.88 26.36
N GLU C 123 2.32 0.34 26.31
CA GLU C 123 2.55 1.23 25.14
C GLU C 123 4.04 1.39 24.83
N GLY C 124 4.86 1.62 25.86
CA GLY C 124 6.28 1.88 25.62
C GLY C 124 6.98 0.66 25.08
N ARG C 125 6.67 -0.51 25.60
CA ARG C 125 7.38 -1.73 25.18
C ARG C 125 7.05 -1.99 23.71
N ALA C 126 5.79 -1.86 23.33
CA ALA C 126 5.39 -2.16 21.95
C ALA C 126 5.99 -1.08 21.05
N ARG C 127 6.08 0.13 21.59
CA ARG C 127 6.71 1.22 20.87
C ARG C 127 8.16 0.86 20.50
N ASN C 128 8.87 0.12 21.39
CA ASN C 128 10.25 -0.34 21.18
C ASN C 128 10.34 -1.44 20.12
N ARG C 129 9.30 -2.28 19.97
CA ARG C 129 9.28 -3.30 18.92
C ARG C 129 8.95 -2.54 17.65
N ARG C 130 10.00 -2.12 16.95
CA ARG C 130 9.78 -1.23 15.80
C ARG C 130 10.87 -1.41 14.75
N VAL C 131 10.65 -0.82 13.59
CA VAL C 131 11.70 -0.80 12.54
C VAL C 131 11.85 0.68 12.17
N GLU C 132 13.08 1.10 11.92
CA GLU C 132 13.33 2.52 11.61
C GLU C 132 13.96 2.58 10.22
N ILE C 133 13.50 3.51 9.39
CA ILE C 133 14.00 3.58 8.03
C ILE C 133 14.69 4.91 7.86
N SER C 134 15.90 4.89 7.33
CA SER C 134 16.62 6.12 7.04
C SER C 134 17.11 6.04 5.61
N LEU C 135 17.00 7.12 4.85
CA LEU C 135 17.40 7.16 3.44
C LEU C 135 18.73 7.89 3.27
N VAL C 136 19.73 7.21 2.71
CA VAL C 136 21.06 7.77 2.51
C VAL C 136 21.30 8.17 1.06
N PRO C 137 21.52 9.47 0.79
CA PRO C 137 21.79 9.89 -0.59
C PRO C 137 23.20 9.55 -1.03
N ARG D 27 34.86 3.95 0.23
CA ARG D 27 34.67 2.65 -0.41
C ARG D 27 35.93 1.81 -0.33
N LEU D 28 35.84 0.64 0.30
CA LEU D 28 36.96 -0.30 0.49
C LEU D 28 37.14 -1.17 -0.77
N ASN D 29 38.36 -1.68 -0.97
CA ASN D 29 38.73 -2.57 -2.09
C ASN D 29 37.80 -3.79 -2.13
N SER D 30 37.31 -4.20 -3.31
CA SER D 30 36.40 -5.35 -3.39
C SER D 30 37.01 -6.63 -2.81
N LEU D 31 36.14 -7.48 -2.26
CA LEU D 31 36.57 -8.70 -1.62
C LEU D 31 36.07 -9.92 -2.36
N ALA D 32 36.76 -10.33 -3.42
CA ALA D 32 36.41 -11.53 -4.19
C ALA D 32 36.87 -12.74 -3.38
N LEU D 33 36.05 -13.19 -2.43
CA LEU D 33 36.43 -14.25 -1.51
C LEU D 33 35.58 -15.52 -1.61
N PHE D 34 34.81 -15.72 -2.71
CA PHE D 34 33.93 -16.89 -2.77
C PHE D 34 34.05 -17.74 -4.00
N ASP D 35 33.85 -19.06 -3.81
CA ASP D 35 33.82 -20.04 -4.89
C ASP D 35 32.36 -20.17 -5.36
N ALA D 36 32.13 -20.78 -6.52
CA ALA D 36 30.79 -20.86 -7.12
C ALA D 36 29.75 -21.57 -6.25
N GLY D 37 28.67 -20.86 -5.95
CA GLY D 37 27.58 -21.36 -5.13
C GLY D 37 27.85 -21.31 -3.64
N LYS D 38 29.02 -20.82 -3.22
CA LYS D 38 29.39 -20.78 -1.82
C LYS D 38 29.40 -19.40 -1.19
N TRP D 39 28.96 -19.33 0.07
CA TRP D 39 29.01 -18.13 0.88
C TRP D 39 30.07 -18.25 2.02
N THR D 40 30.77 -19.40 2.10
CA THR D 40 31.87 -19.61 3.03
C THR D 40 33.13 -19.05 2.37
N LEU D 41 34.05 -18.52 3.17
CA LEU D 41 35.25 -17.91 2.63
C LEU D 41 36.23 -18.90 1.97
N LYS D 42 36.75 -18.51 0.80
CA LYS D 42 37.75 -19.19 -0.03
C LYS D 42 39.07 -19.36 0.73
N PRO D 43 39.95 -20.32 0.36
CA PRO D 43 41.27 -20.37 0.98
C PRO D 43 42.03 -19.14 0.50
N GLY D 44 42.67 -18.46 1.43
CA GLY D 44 43.40 -17.23 1.11
C GLY D 44 42.64 -15.96 1.37
N ALA D 45 41.36 -16.05 1.78
CA ALA D 45 40.52 -14.88 2.03
C ALA D 45 40.92 -14.00 3.24
N THR D 46 41.48 -14.63 4.30
CA THR D 46 41.85 -13.96 5.56
C THR D 46 42.70 -12.71 5.36
N LYS D 47 43.67 -12.77 4.44
CA LYS D 47 44.60 -11.67 4.13
C LYS D 47 43.84 -10.44 3.67
N TRP D 48 42.81 -10.64 2.86
CA TRP D 48 42.02 -9.53 2.32
C TRP D 48 40.98 -9.03 3.32
N LEU D 49 40.48 -9.90 4.21
CA LEU D 49 39.57 -9.55 5.29
C LEU D 49 40.29 -8.72 6.36
N VAL D 50 41.59 -8.99 6.61
CA VAL D 50 42.39 -8.25 7.58
C VAL D 50 42.64 -6.81 7.06
N ASN D 51 42.96 -6.67 5.77
CA ASN D 51 43.18 -5.37 5.14
C ASN D 51 41.94 -4.48 5.28
N ALA D 52 40.75 -5.07 5.13
CA ALA D 52 39.49 -4.36 5.27
C ALA D 52 39.21 -3.98 6.72
N LEU D 53 39.55 -4.87 7.65
CA LEU D 53 39.37 -4.67 9.07
C LEU D 53 40.24 -3.52 9.60
N VAL D 54 41.45 -3.35 9.04
CA VAL D 54 42.33 -2.22 9.41
C VAL D 54 41.63 -0.89 9.00
N ASP D 55 41.05 -0.87 7.79
CA ASP D 55 40.33 0.28 7.25
C ASP D 55 39.07 0.59 8.07
N ILE D 56 38.41 -0.46 8.60
CA ILE D 56 37.22 -0.33 9.43
C ILE D 56 37.64 0.25 10.79
N LYS D 57 38.76 -0.20 11.35
CA LYS D 57 39.27 0.31 12.63
C LYS D 57 39.69 1.79 12.57
N ALA D 58 40.03 2.28 11.37
CA ALA D 58 40.36 3.68 11.16
C ALA D 58 39.09 4.59 11.15
N LYS D 59 37.90 4.02 10.85
CA LYS D 59 36.66 4.79 10.82
C LYS D 59 35.69 4.31 11.91
N ALA D 60 36.15 4.33 13.17
CA ALA D 60 35.33 3.88 14.30
C ALA D 60 34.06 4.72 14.48
N GLY D 61 32.89 4.07 14.46
CA GLY D 61 31.62 4.78 14.65
C GLY D 61 30.81 5.01 13.39
N TRP D 62 31.43 4.78 12.22
CA TRP D 62 30.76 4.95 10.93
C TRP D 62 29.91 3.70 10.64
N LEU D 63 28.86 3.84 9.81
CA LEU D 63 28.00 2.73 9.39
C LEU D 63 28.75 1.87 8.35
N ILE D 64 28.86 0.57 8.61
CA ILE D 64 29.57 -0.34 7.72
C ILE D 64 28.58 -1.03 6.82
N VAL D 65 28.50 -0.60 5.55
CA VAL D 65 27.57 -1.21 4.61
C VAL D 65 28.26 -2.31 3.84
N VAL D 66 27.82 -3.54 4.08
CA VAL D 66 28.42 -4.70 3.43
C VAL D 66 27.45 -5.13 2.32
N SER D 67 27.89 -5.07 1.04
CA SER D 67 27.02 -5.46 -0.05
C SER D 67 27.58 -6.59 -0.87
N GLY D 68 26.89 -7.74 -0.78
CA GLY D 68 27.24 -8.95 -1.49
C GLY D 68 26.84 -8.95 -2.95
N HIS D 69 27.67 -9.54 -3.77
CA HIS D 69 27.43 -9.66 -5.19
C HIS D 69 27.62 -11.12 -5.61
N THR D 70 27.07 -11.50 -6.75
CA THR D 70 27.14 -12.91 -7.21
C THR D 70 27.59 -12.98 -8.67
N ASP D 71 27.78 -14.19 -9.20
CA ASP D 71 28.18 -14.41 -10.61
C ASP D 71 26.92 -14.47 -11.45
N ASN D 72 27.04 -14.32 -12.77
CA ASN D 72 25.86 -14.43 -13.67
C ASN D 72 25.26 -15.84 -13.58
N THR D 73 26.08 -16.85 -13.40
CA THR D 73 25.63 -18.27 -13.38
C THR D 73 24.40 -18.54 -12.51
N GLY D 74 23.37 -19.18 -13.08
CA GLY D 74 22.24 -19.63 -12.28
C GLY D 74 21.06 -18.69 -12.30
N ASP D 75 20.03 -18.99 -11.50
CA ASP D 75 18.80 -18.19 -11.43
C ASP D 75 19.05 -16.84 -10.75
N PRO D 76 18.56 -15.73 -11.35
CA PRO D 76 18.78 -14.41 -10.75
C PRO D 76 18.22 -14.23 -9.33
N LEU D 77 17.05 -14.85 -9.04
CA LEU D 77 16.43 -14.75 -7.71
C LEU D 77 17.27 -15.46 -6.65
N ARG D 78 17.87 -16.62 -7.00
CA ARG D 78 18.76 -17.39 -6.12
C ARG D 78 20.05 -16.62 -5.88
N ASN D 79 20.58 -15.98 -6.93
CA ASN D 79 21.79 -15.16 -6.85
C ASN D 79 21.61 -13.99 -5.88
N GLN D 80 20.38 -13.42 -5.83
CA GLN D 80 20.05 -12.33 -4.93
C GLN D 80 20.11 -12.80 -3.47
N ALA D 81 19.59 -14.00 -3.21
CA ALA D 81 19.59 -14.62 -1.88
C ALA D 81 21.02 -14.99 -1.44
N LEU D 82 21.83 -15.52 -2.39
CA LEU D 82 23.21 -15.89 -2.18
C LEU D 82 24.09 -14.66 -1.90
N SER D 83 23.81 -13.55 -2.58
CA SER D 83 24.57 -12.32 -2.36
C SER D 83 24.35 -11.82 -0.92
N LEU D 84 23.11 -11.91 -0.44
CA LEU D 84 22.80 -11.50 0.95
C LEU D 84 23.60 -12.37 1.92
N LYS D 85 23.63 -13.69 1.71
CA LYS D 85 24.33 -14.61 2.65
C LYS D 85 25.82 -14.25 2.72
N ARG D 86 26.45 -13.92 1.60
CA ARG D 86 27.89 -13.54 1.56
C ARG D 86 28.08 -12.24 2.32
N ALA D 87 27.17 -11.28 2.13
CA ALA D 87 27.25 -10.04 2.88
C ALA D 87 27.17 -10.32 4.37
N GLU D 88 26.30 -11.25 4.79
CA GLU D 88 26.15 -11.62 6.18
C GLU D 88 27.36 -12.36 6.72
N ALA D 89 28.05 -13.15 5.86
CA ALA D 89 29.24 -13.89 6.26
C ALA D 89 30.40 -12.95 6.49
N VAL D 90 30.58 -11.94 5.61
CA VAL D 90 31.65 -10.97 5.78
C VAL D 90 31.38 -10.11 7.03
N ARG D 91 30.12 -9.74 7.27
CA ARG D 91 29.69 -9.00 8.44
C ARG D 91 29.98 -9.81 9.71
N ASP D 92 29.61 -11.11 9.74
CA ASP D 92 29.83 -11.94 10.92
C ASP D 92 31.32 -12.31 11.12
N TRP D 93 32.15 -12.25 10.04
CA TRP D 93 33.58 -12.45 10.19
C TRP D 93 34.12 -11.22 10.90
N MET D 94 33.72 -10.02 10.47
CA MET D 94 34.31 -8.78 11.04
C MET D 94 33.75 -8.54 12.44
N ARG D 95 32.70 -9.27 12.82
CA ARG D 95 32.06 -9.02 14.13
C ARG D 95 32.72 -9.97 15.13
N ASP D 96 32.87 -11.21 14.70
CA ASP D 96 33.50 -12.23 15.58
C ASP D 96 35.00 -11.96 15.63
N THR D 97 35.64 -11.85 14.46
CA THR D 97 37.13 -11.71 14.44
C THR D 97 37.61 -10.27 14.49
N GLY D 98 36.77 -9.32 14.86
CA GLY D 98 37.26 -7.95 15.06
C GLY D 98 36.61 -7.34 16.28
N ASP D 99 35.81 -8.14 16.98
CA ASP D 99 35.02 -7.63 18.13
C ASP D 99 34.31 -6.35 17.71
N ILE D 100 33.82 -6.30 16.47
CA ILE D 100 33.02 -5.11 16.09
C ILE D 100 31.54 -5.44 16.31
N PRO D 101 30.76 -4.67 17.10
CA PRO D 101 29.35 -4.99 17.35
C PRO D 101 28.54 -5.18 16.07
N GLN D 102 27.66 -6.18 16.04
CA GLN D 102 26.87 -6.45 14.85
C GLN D 102 25.97 -5.27 14.48
N SER D 103 25.60 -4.42 15.45
CA SER D 103 24.77 -3.24 15.22
C SER D 103 25.44 -2.18 14.33
N CYS D 104 26.77 -2.24 14.15
CA CYS D 104 27.54 -1.31 13.30
C CYS D 104 27.36 -1.53 11.81
N PHE D 105 26.94 -2.74 11.44
CA PHE D 105 26.91 -3.10 10.00
C PHE D 105 25.51 -3.12 9.42
N ALA D 106 25.38 -2.88 8.11
CA ALA D 106 24.07 -2.99 7.44
C ALA D 106 24.26 -3.82 6.16
N VAL D 107 23.90 -5.11 6.21
CA VAL D 107 24.08 -6.05 5.05
C VAL D 107 23.19 -5.64 3.86
N GLN D 108 23.65 -5.86 2.62
CA GLN D 108 22.86 -5.56 1.38
C GLN D 108 23.16 -6.65 0.34
N GLY D 109 22.31 -6.81 -0.69
CA GLY D 109 22.57 -7.80 -1.73
C GLY D 109 22.23 -7.27 -3.11
N TYR D 110 23.13 -7.46 -4.07
CA TYR D 110 22.88 -7.00 -5.45
C TYR D 110 22.60 -8.14 -6.44
N GLY D 111 22.82 -9.38 -6.05
CA GLY D 111 22.65 -10.51 -6.94
C GLY D 111 23.67 -10.48 -8.05
N GLU D 112 23.27 -10.85 -9.25
CA GLU D 112 24.14 -10.83 -10.42
C GLU D 112 24.18 -9.47 -11.14
N SER D 113 23.43 -8.48 -10.65
CA SER D 113 23.41 -7.15 -11.25
C SER D 113 24.67 -6.43 -10.76
N ARG D 114 25.14 -5.45 -11.53
CA ARG D 114 26.38 -4.72 -11.18
C ARG D 114 27.68 -5.57 -11.18
N PRO D 115 27.96 -6.35 -12.24
CA PRO D 115 29.23 -7.09 -12.28
C PRO D 115 30.43 -6.17 -12.50
N VAL D 116 31.61 -6.54 -11.95
CA VAL D 116 32.84 -5.79 -12.14
C VAL D 116 33.63 -6.25 -13.38
N ALA D 117 33.43 -7.51 -13.80
CA ALA D 117 34.13 -8.08 -14.94
C ALA D 117 33.16 -8.84 -15.88
N PRO D 118 33.34 -8.83 -17.22
CA PRO D 118 32.47 -9.60 -18.09
C PRO D 118 32.33 -10.93 -17.37
N ASN D 119 31.10 -11.44 -17.31
CA ASN D 119 30.84 -12.71 -16.60
C ASN D 119 31.08 -13.90 -17.52
N ASP D 120 31.94 -13.76 -18.53
CA ASP D 120 32.27 -14.99 -19.27
C ASP D 120 32.96 -15.77 -18.16
N THR D 121 32.43 -16.93 -17.78
CA THR D 121 32.97 -17.60 -16.57
C THR D 121 34.47 -17.74 -16.72
N ALA D 122 35.25 -17.27 -15.75
CA ALA D 122 36.72 -17.23 -15.89
C ALA D 122 37.29 -16.48 -14.70
N GLU D 123 38.27 -15.62 -14.95
CA GLU D 123 38.77 -14.72 -13.88
C GLU D 123 37.61 -13.80 -13.48
N GLY D 124 36.83 -13.32 -14.45
CA GLY D 124 35.74 -12.38 -14.16
C GLY D 124 34.68 -12.97 -13.26
N ARG D 125 34.30 -14.22 -13.50
CA ARG D 125 33.34 -14.87 -12.60
C ARG D 125 33.93 -14.88 -11.20
N ALA D 126 35.24 -15.08 -11.08
CA ALA D 126 35.90 -15.06 -9.78
C ALA D 126 35.92 -13.66 -9.19
N ARG D 127 36.10 -12.63 -10.03
CA ARG D 127 36.06 -11.25 -9.58
C ARG D 127 34.64 -10.86 -9.15
N ASN D 128 33.60 -11.41 -9.82
CA ASN D 128 32.20 -11.12 -9.55
C ASN D 128 31.66 -11.69 -8.22
N ARG D 129 32.21 -12.82 -7.78
CA ARG D 129 31.80 -13.35 -6.45
C ARG D 129 32.52 -12.51 -5.38
N ARG D 130 32.13 -11.24 -5.23
CA ARG D 130 32.86 -10.33 -4.31
C ARG D 130 31.92 -9.63 -3.33
N VAL D 131 32.49 -8.98 -2.32
CA VAL D 131 31.66 -8.18 -1.36
C VAL D 131 32.24 -6.75 -1.36
N GLU D 132 31.38 -5.74 -1.56
CA GLU D 132 31.84 -4.33 -1.55
C GLU D 132 31.46 -3.69 -0.22
N ILE D 133 32.42 -3.07 0.46
CA ILE D 133 32.15 -2.44 1.78
C ILE D 133 32.25 -0.91 1.64
N SER D 134 31.21 -0.19 2.06
CA SER D 134 31.26 1.30 2.04
C SER D 134 31.00 1.84 3.45
N LEU D 135 31.89 2.70 3.96
CA LEU D 135 31.71 3.28 5.27
C LEU D 135 30.95 4.61 5.19
N VAL D 136 29.82 4.71 5.88
CA VAL D 136 28.99 5.92 5.88
C VAL D 136 29.16 6.71 7.16
N PRO D 137 29.65 7.96 7.07
CA PRO D 137 29.81 8.77 8.29
C PRO D 137 28.48 9.30 8.80
#